data_3QOC
#
_entry.id   3QOC
#
_cell.length_a   79.013
_cell.length_b   82.588
_cell.length_c   104.102
_cell.angle_alpha   90.00
_cell.angle_beta   90.00
_cell.angle_gamma   90.00
#
_symmetry.space_group_name_H-M   'P 21 21 21'
#
loop_
_entity.id
_entity.type
_entity.pdbx_description
1 polymer 'Putative metallopeptidase'
2 non-polymer 'CHLORIDE ION'
3 non-polymer 'SULFATE ION'
4 water water
#
_entity_poly.entity_id   1
_entity_poly.type   'polypeptide(L)'
_entity_poly.pdbx_seq_one_letter_code
;SNAPLADTRFLQRRRALSAQLAAKRIDA(MSE)LVTHLTHIRYLSGFTGSNAALIINKDLSARISTDGRYITQIAEQVPD
IESL(MSE)ARNCAPALLSDINGPKRVGFEADYLSVSQCEELRKSAGSDVELIPVTGAIEKLR
;
_entity_poly.pdbx_strand_id   A,B,C,D
#
# COMPACT_ATOMS: atom_id res chain seq x y z
N ALA A 3 -36.05 -6.33 -26.67
CA ALA A 3 -34.56 -6.61 -26.50
C ALA A 3 -33.89 -5.56 -25.61
N PRO A 4 -33.26 -6.01 -24.52
CA PRO A 4 -32.92 -5.05 -23.51
C PRO A 4 -31.61 -4.32 -23.77
N LEU A 5 -31.40 -3.29 -22.95
CA LEU A 5 -30.13 -2.62 -22.78
C LEU A 5 -29.09 -3.65 -22.38
N ALA A 6 -27.96 -3.64 -23.06
CA ALA A 6 -26.88 -4.55 -22.74
C ALA A 6 -26.43 -4.41 -21.28
N ASP A 7 -25.90 -5.49 -20.72
CA ASP A 7 -25.35 -5.44 -19.34
C ASP A 7 -24.11 -4.58 -19.25
N THR A 8 -23.94 -3.85 -18.15
CA THR A 8 -22.69 -3.10 -17.91
C THR A 8 -21.59 -4.12 -17.75
N ARG A 9 -20.36 -3.74 -18.08
CA ARG A 9 -19.21 -4.54 -17.71
C ARG A 9 -19.09 -4.87 -16.18
N PHE A 10 -19.61 -4.02 -15.31
CA PHE A 10 -19.47 -4.28 -13.89
C PHE A 10 -20.42 -5.41 -13.54
N LEU A 11 -21.62 -5.44 -14.14
CA LEU A 11 -22.57 -6.57 -13.95
C LEU A 11 -21.94 -7.85 -14.46
N GLN A 12 -21.29 -7.77 -15.62
CA GLN A 12 -20.55 -8.95 -16.16
C GLN A 12 -19.39 -9.48 -15.29
N ARG A 13 -18.65 -8.59 -14.66
CA ARG A 13 -17.56 -9.01 -13.82
C ARG A 13 -18.10 -9.67 -12.55
N ARG A 14 -19.17 -9.12 -12.04
CA ARG A 14 -19.82 -9.69 -10.85
C ARG A 14 -20.33 -11.08 -11.15
N ARG A 15 -21.04 -11.23 -12.29
CA ARG A 15 -21.54 -12.52 -12.77
C ARG A 15 -20.37 -13.53 -12.88
N ALA A 16 -19.22 -13.14 -13.47
CA ALA A 16 -18.10 -14.08 -13.55
C ALA A 16 -17.57 -14.47 -12.14
N LEU A 17 -17.49 -13.54 -11.19
CA LEU A 17 -17.06 -13.86 -9.84
C LEU A 17 -18.09 -14.78 -9.18
N SER A 18 -19.36 -14.46 -9.31
CA SER A 18 -20.40 -15.35 -8.78
C SER A 18 -20.25 -16.75 -9.28
N ALA A 19 -19.84 -16.89 -10.53
CA ALA A 19 -19.68 -18.23 -11.08
C ALA A 19 -18.45 -18.90 -10.50
N GLN A 20 -17.47 -18.13 -10.03
CA GLN A 20 -16.26 -18.78 -9.45
C GLN A 20 -16.53 -19.37 -8.02
N LEU A 21 -17.71 -19.12 -7.44
CA LEU A 21 -17.94 -19.37 -6.00
C LEU A 21 -18.13 -20.85 -5.63
N ALA A 22 -19.06 -21.55 -6.32
CA ALA A 22 -19.18 -23.03 -6.23
C ALA A 22 -17.81 -23.70 -6.09
N ALA A 23 -16.93 -23.47 -7.07
CA ALA A 23 -15.58 -24.06 -7.05
C ALA A 23 -14.68 -23.68 -5.83
N LYS A 24 -14.82 -22.47 -5.32
CA LYS A 24 -14.05 -22.06 -4.14
C LYS A 24 -14.79 -22.56 -2.88
N ARG A 25 -15.92 -23.25 -3.08
CA ARG A 25 -16.77 -23.75 -2.02
C ARG A 25 -17.22 -22.67 -1.03
N ILE A 26 -17.82 -21.57 -1.54
CA ILE A 26 -18.38 -20.49 -0.71
C ILE A 26 -19.72 -20.03 -1.28
N ASP A 27 -20.52 -19.35 -0.45
CA ASP A 27 -21.81 -18.82 -0.80
C ASP A 27 -21.81 -17.35 -1.18
N ALA A 28 -20.76 -16.65 -0.80
CA ALA A 28 -20.62 -15.23 -1.01
C ALA A 28 -19.16 -14.85 -0.86
N LEU A 30 -16.77 -11.55 0.14
CA LEU A 30 -16.60 -10.23 0.70
C LEU A 30 -15.33 -9.61 0.13
N VAL A 31 -15.46 -8.57 -0.66
CA VAL A 31 -14.34 -7.92 -1.29
C VAL A 31 -13.98 -6.67 -0.52
N THR A 32 -12.77 -6.59 -0.03
CA THR A 32 -12.34 -5.47 0.72
C THR A 32 -11.21 -4.68 0.04
N HIS A 33 -10.49 -5.29 -0.89
CA HIS A 33 -9.42 -4.52 -1.59
C HIS A 33 -10.03 -3.52 -2.59
N LEU A 34 -9.65 -2.25 -2.49
CA LEU A 34 -10.38 -1.20 -3.15
C LEU A 34 -10.36 -1.32 -4.68
N THR A 35 -9.22 -1.67 -5.28
CA THR A 35 -9.16 -1.73 -6.75
C THR A 35 -10.07 -2.86 -7.23
N HIS A 36 -10.19 -3.90 -6.41
CA HIS A 36 -11.16 -4.99 -6.69
C HIS A 36 -12.56 -4.51 -6.63
N ILE A 37 -12.89 -3.68 -5.63
CA ILE A 37 -14.29 -3.15 -5.52
C ILE A 37 -14.60 -2.26 -6.74
N ARG A 38 -13.60 -1.48 -7.16
CA ARG A 38 -13.76 -0.57 -8.29
C ARG A 38 -14.01 -1.35 -9.58
N TYR A 39 -13.22 -2.40 -9.78
CA TYR A 39 -13.31 -3.23 -10.94
C TYR A 39 -14.73 -3.87 -10.99
N LEU A 40 -15.22 -4.32 -9.84
CA LEU A 40 -16.52 -5.00 -9.78
C LEU A 40 -17.74 -4.10 -9.70
N SER A 41 -17.55 -2.82 -9.33
CA SER A 41 -18.73 -1.95 -9.13
C SER A 41 -18.69 -0.62 -9.83
N GLY A 42 -17.52 -0.05 -10.07
CA GLY A 42 -17.48 1.31 -10.63
C GLY A 42 -17.25 2.39 -9.55
N PHE A 43 -17.27 1.98 -8.27
CA PHE A 43 -17.10 2.97 -7.18
C PHE A 43 -15.64 3.29 -7.08
N THR A 44 -15.29 4.57 -7.21
CA THR A 44 -13.90 5.05 -7.18
C THR A 44 -13.44 5.67 -5.82
N GLY A 45 -14.25 5.64 -4.78
CA GLY A 45 -13.81 6.25 -3.52
C GLY A 45 -12.79 5.39 -2.78
N SER A 46 -12.42 5.83 -1.58
CA SER A 46 -11.27 5.30 -0.88
C SER A 46 -11.66 4.45 0.32
N ASN A 47 -12.95 4.24 0.54
CA ASN A 47 -13.38 3.36 1.63
C ASN A 47 -14.70 2.70 1.21
N ALA A 48 -14.71 1.37 1.19
CA ALA A 48 -15.84 0.55 0.78
C ALA A 48 -15.60 -0.88 1.18
N ALA A 49 -16.71 -1.62 1.18
CA ALA A 49 -16.68 -3.12 1.21
C ALA A 49 -17.83 -3.58 0.38
N LEU A 50 -17.75 -4.78 -0.16
CA LEU A 50 -18.65 -5.24 -1.22
C LEU A 50 -18.88 -6.75 -1.05
N ILE A 51 -20.13 -7.17 -0.99
CA ILE A 51 -20.43 -8.59 -0.84
C ILE A 51 -21.10 -9.02 -2.12
N ILE A 52 -20.56 -10.04 -2.78
CA ILE A 52 -21.17 -10.66 -3.97
C ILE A 52 -21.65 -12.10 -3.63
N ASN A 53 -22.96 -12.38 -3.79
CA ASN A 53 -23.55 -13.66 -3.42
C ASN A 53 -23.59 -14.64 -4.64
N LYS A 54 -23.66 -15.94 -4.39
CA LYS A 54 -23.88 -16.95 -5.44
C LYS A 54 -25.11 -16.66 -6.32
N ASP A 55 -26.24 -16.24 -5.75
CA ASP A 55 -27.45 -15.98 -6.54
C ASP A 55 -27.34 -14.68 -7.37
N LEU A 56 -26.17 -14.08 -7.51
CA LEU A 56 -26.02 -12.85 -8.30
C LEU A 56 -26.44 -11.54 -7.65
N SER A 57 -27.03 -11.56 -6.45
CA SER A 57 -27.31 -10.33 -5.76
C SER A 57 -25.98 -9.85 -5.11
N ALA A 58 -26.00 -8.61 -4.66
CA ALA A 58 -24.83 -7.89 -4.15
C ALA A 58 -25.23 -6.78 -3.20
N ARG A 59 -24.34 -6.37 -2.32
CA ARG A 59 -24.59 -5.23 -1.45
C ARG A 59 -23.26 -4.54 -1.21
N ILE A 60 -23.27 -3.23 -1.14
CA ILE A 60 -22.09 -2.45 -1.10
C ILE A 60 -22.17 -1.50 0.08
N SER A 61 -21.03 -1.23 0.70
CA SER A 61 -21.09 -0.36 1.86
C SER A 61 -20.02 0.73 1.80
N THR A 62 -20.33 1.90 2.35
CA THR A 62 -19.35 2.99 2.38
C THR A 62 -19.74 3.96 3.51
N ASP A 63 -18.84 4.90 3.83
CA ASP A 63 -19.12 5.90 4.86
C ASP A 63 -19.98 7.06 4.36
N GLY A 64 -20.32 7.96 5.26
CA GLY A 64 -21.27 9.04 4.94
C GLY A 64 -20.76 10.03 3.93
N ARG A 65 -19.44 10.16 3.82
CA ARG A 65 -18.88 11.07 2.81
C ARG A 65 -19.21 10.63 1.39
N TYR A 66 -19.49 9.34 1.19
CA TYR A 66 -19.59 8.81 -0.15
C TYR A 66 -21.02 8.33 -0.52
N ILE A 67 -22.03 8.59 0.31
CA ILE A 67 -23.40 8.11 0.03
C ILE A 67 -23.98 8.66 -1.25
N THR A 68 -23.84 9.95 -1.48
CA THR A 68 -24.27 10.51 -2.73
C THR A 68 -23.44 9.91 -3.85
N GLN A 69 -22.12 9.81 -3.73
CA GLN A 69 -21.36 9.37 -4.88
C GLN A 69 -21.66 7.91 -5.27
N ILE A 70 -21.88 7.03 -4.29
CA ILE A 70 -22.08 5.61 -4.54
C ILE A 70 -23.44 5.34 -5.20
N ALA A 71 -24.44 6.11 -4.85
CA ALA A 71 -25.70 6.07 -5.55
C ALA A 71 -25.54 6.49 -6.98
N GLU A 72 -24.69 7.48 -7.24
CA GLU A 72 -24.41 7.92 -8.60
C GLU A 72 -23.49 6.96 -9.38
N GLN A 73 -22.42 6.45 -8.76
CA GLN A 73 -21.52 5.62 -9.49
C GLN A 73 -21.96 4.14 -9.52
N VAL A 74 -22.78 3.71 -8.56
CA VAL A 74 -23.16 2.35 -8.48
C VAL A 74 -24.69 2.27 -8.29
N PRO A 75 -25.47 2.54 -9.38
CA PRO A 75 -26.90 2.69 -9.17
C PRO A 75 -27.62 1.34 -9.11
N ASP A 76 -26.90 0.24 -9.35
CA ASP A 76 -27.43 -1.12 -9.42
C ASP A 76 -27.14 -2.01 -8.19
N ILE A 77 -26.52 -1.47 -7.13
CA ILE A 77 -26.34 -2.26 -5.91
C ILE A 77 -26.83 -1.44 -4.73
N GLU A 78 -27.66 -2.05 -3.88
CA GLU A 78 -28.16 -1.42 -2.63
C GLU A 78 -26.97 -1.17 -1.70
N SER A 79 -26.98 0.00 -1.08
CA SER A 79 -25.87 0.50 -0.30
C SER A 79 -26.27 0.54 1.16
N LEU A 80 -25.26 0.42 2.01
CA LEU A 80 -25.41 0.49 3.47
C LEU A 80 -24.37 1.48 3.93
N ALA A 82 -21.92 2.94 6.65
CA ALA A 82 -21.23 2.51 7.86
C ALA A 82 -19.84 3.19 7.92
N ARG A 83 -19.40 3.66 9.09
CA ARG A 83 -18.00 4.08 9.29
C ARG A 83 -17.06 2.89 8.97
N ASN A 84 -17.38 1.71 9.54
CA ASN A 84 -16.60 0.46 9.35
C ASN A 84 -17.29 -0.56 8.46
N CYS A 85 -16.95 -0.46 7.18
CA CYS A 85 -17.78 -0.98 6.09
C CYS A 85 -17.92 -2.49 6.10
N ALA A 86 -16.79 -3.18 6.17
CA ALA A 86 -16.80 -4.64 6.03
C ALA A 86 -17.53 -5.31 7.23
N PRO A 87 -17.22 -4.88 8.48
CA PRO A 87 -17.94 -5.50 9.56
C PRO A 87 -19.43 -5.28 9.49
N ALA A 88 -19.83 -4.10 9.01
CA ALA A 88 -21.27 -3.81 8.95
C ALA A 88 -22.00 -4.65 7.93
N LEU A 89 -21.46 -4.84 6.72
CA LEU A 89 -22.06 -5.83 5.77
C LEU A 89 -22.13 -7.21 6.38
N LEU A 90 -21.04 -7.67 6.99
CA LEU A 90 -21.00 -9.03 7.52
C LEU A 90 -22.02 -9.25 8.63
N SER A 91 -22.22 -8.25 9.47
CA SER A 91 -23.10 -8.44 10.62
C SER A 91 -24.56 -8.55 10.16
N ASP A 92 -24.83 -8.09 8.95
CA ASP A 92 -26.20 -8.18 8.38
C ASP A 92 -26.56 -9.52 7.69
N ILE A 93 -25.59 -10.42 7.58
CA ILE A 93 -25.82 -11.71 6.98
C ILE A 93 -26.43 -12.66 8.00
N ASN A 94 -27.55 -13.29 7.63
CA ASN A 94 -28.25 -14.30 8.47
C ASN A 94 -27.80 -15.71 8.01
N GLY A 95 -27.31 -16.54 8.92
CA GLY A 95 -26.71 -17.83 8.54
C GLY A 95 -27.74 -18.84 8.06
N PRO A 96 -27.28 -20.01 7.61
CA PRO A 96 -25.96 -20.43 7.46
C PRO A 96 -25.39 -19.96 6.11
N LYS A 97 -24.10 -19.61 6.09
CA LYS A 97 -23.47 -19.03 4.90
C LYS A 97 -21.98 -19.19 5.08
N ARG A 98 -21.30 -19.62 4.02
CA ARG A 98 -19.86 -19.58 3.92
C ARG A 98 -19.49 -18.36 3.13
N VAL A 99 -18.74 -17.48 3.80
CA VAL A 99 -18.38 -16.17 3.23
C VAL A 99 -16.87 -16.12 3.06
N GLY A 100 -16.43 -16.08 1.81
CA GLY A 100 -15.01 -15.96 1.48
C GLY A 100 -14.50 -14.54 1.76
N PHE A 101 -13.19 -14.38 2.01
CA PHE A 101 -12.55 -13.10 2.16
C PHE A 101 -11.20 -13.10 1.50
N GLU A 102 -10.68 -11.92 1.20
CA GLU A 102 -9.48 -11.86 0.45
C GLU A 102 -8.27 -12.01 1.42
N ALA A 103 -7.82 -13.22 1.58
CA ALA A 103 -6.86 -13.52 2.66
C ALA A 103 -5.47 -12.94 2.33
N ASP A 104 -5.24 -12.72 1.04
CA ASP A 104 -4.00 -12.10 0.62
C ASP A 104 -3.95 -10.60 0.89
N TYR A 105 -5.11 -9.99 1.23
CA TYR A 105 -5.17 -8.56 1.39
C TYR A 105 -5.60 -8.12 2.76
N LEU A 106 -6.37 -8.91 3.46
CA LEU A 106 -6.78 -8.49 4.81
C LEU A 106 -5.64 -8.79 5.79
N SER A 107 -5.44 -7.92 6.76
CA SER A 107 -4.45 -8.16 7.77
C SER A 107 -5.04 -9.06 8.85
N VAL A 108 -4.16 -9.69 9.60
CA VAL A 108 -4.57 -10.50 10.73
C VAL A 108 -5.48 -9.69 11.63
N SER A 109 -5.15 -8.46 11.95
CA SER A 109 -6.06 -7.80 12.91
C SER A 109 -7.36 -7.34 12.25
N GLN A 110 -7.33 -7.00 10.96
CA GLN A 110 -8.57 -6.66 10.28
C GLN A 110 -9.47 -7.89 10.23
N CYS A 111 -8.90 -9.03 10.00
CA CYS A 111 -9.67 -10.26 9.99
C CYS A 111 -10.21 -10.67 11.35
N GLU A 112 -9.43 -10.54 12.39
CA GLU A 112 -9.96 -10.78 13.74
C GLU A 112 -11.15 -9.87 14.04
N GLU A 113 -11.10 -8.60 13.59
CA GLU A 113 -12.24 -7.69 13.80
C GLU A 113 -13.54 -8.16 13.08
N LEU A 114 -13.45 -8.56 11.81
CA LEU A 114 -14.49 -9.21 11.06
C LEU A 114 -15.08 -10.40 11.72
N ARG A 115 -14.25 -11.29 12.18
CA ARG A 115 -14.79 -12.47 12.83
C ARG A 115 -15.70 -12.15 14.00
N LYS A 116 -15.48 -11.03 14.66
CA LYS A 116 -16.31 -10.70 15.79
C LYS A 116 -17.74 -10.40 15.38
N SER A 117 -17.90 -9.87 14.17
CA SER A 117 -19.19 -9.43 13.66
C SER A 117 -19.97 -10.52 12.96
N ALA A 118 -19.32 -11.60 12.57
CA ALA A 118 -19.99 -12.75 11.97
C ALA A 118 -21.06 -13.43 12.83
N GLY A 119 -22.20 -13.77 12.26
CA GLY A 119 -23.23 -14.50 13.03
C GLY A 119 -22.84 -15.92 13.42
N SER A 120 -23.68 -16.59 14.23
CA SER A 120 -23.34 -17.89 14.82
C SER A 120 -23.21 -19.01 13.80
N ASP A 121 -23.84 -18.89 12.63
CA ASP A 121 -23.68 -19.84 11.52
C ASP A 121 -23.09 -19.27 10.23
N VAL A 122 -22.44 -18.13 10.35
CA VAL A 122 -21.67 -17.57 9.23
C VAL A 122 -20.21 -17.90 9.37
N GLU A 123 -19.65 -18.67 8.47
CA GLU A 123 -18.25 -19.02 8.52
C GLU A 123 -17.43 -18.19 7.50
N LEU A 124 -16.35 -17.55 7.96
CA LEU A 124 -15.39 -16.85 7.08
C LEU A 124 -14.36 -17.78 6.55
N ILE A 125 -14.14 -17.78 5.24
CA ILE A 125 -13.25 -18.67 4.55
C ILE A 125 -12.12 -17.92 3.82
N PRO A 126 -10.85 -18.22 4.15
CA PRO A 126 -9.74 -17.57 3.45
C PRO A 126 -9.64 -17.96 2.01
N VAL A 127 -9.75 -17.01 1.10
CA VAL A 127 -9.62 -17.30 -0.32
C VAL A 127 -8.42 -16.52 -0.79
N THR A 128 -7.48 -17.21 -1.45
CA THR A 128 -6.28 -16.56 -2.02
C THR A 128 -6.48 -16.15 -3.51
N GLY A 129 -5.62 -15.27 -4.00
CA GLY A 129 -5.69 -14.74 -5.36
C GLY A 129 -6.32 -13.33 -5.46
N ALA A 130 -6.19 -12.71 -6.63
CA ALA A 130 -6.85 -11.44 -6.95
C ALA A 130 -8.27 -11.73 -7.53
N ILE A 131 -9.25 -11.96 -6.65
CA ILE A 131 -10.61 -12.43 -7.02
C ILE A 131 -10.66 -13.23 -8.36
N ALA B 3 35.46 6.08 27.58
CA ALA B 3 34.37 7.05 27.09
C ALA B 3 34.04 6.73 25.64
N PRO B 4 32.95 6.01 25.40
CA PRO B 4 32.78 5.41 24.09
C PRO B 4 32.09 6.32 23.05
N LEU B 5 32.17 5.88 21.80
CA LEU B 5 31.45 6.45 20.68
C LEU B 5 30.00 6.36 21.03
N ALA B 6 29.27 7.46 20.89
CA ALA B 6 27.82 7.47 21.12
C ALA B 6 27.08 6.38 20.31
N ASP B 7 26.06 5.80 20.91
CA ASP B 7 25.14 4.84 20.23
C ASP B 7 24.49 5.50 19.03
N THR B 8 24.29 4.83 17.89
CA THR B 8 23.49 5.45 16.81
C THR B 8 22.02 5.55 17.17
N ARG B 9 21.26 6.30 16.41
CA ARG B 9 19.88 6.40 16.73
C ARG B 9 19.16 5.07 16.50
N PHE B 10 19.67 4.24 15.59
CA PHE B 10 19.05 2.95 15.29
C PHE B 10 19.20 1.98 16.46
N LEU B 11 20.39 1.93 17.08
CA LEU B 11 20.57 1.13 18.29
C LEU B 11 19.65 1.63 19.44
N GLN B 12 19.57 2.91 19.64
CA GLN B 12 18.64 3.46 20.62
C GLN B 12 17.22 3.06 20.35
N ARG B 13 16.82 3.10 19.09
CA ARG B 13 15.46 2.69 18.70
C ARG B 13 15.18 1.18 18.97
N ARG B 14 16.12 0.34 18.63
CA ARG B 14 16.03 -1.09 18.93
C ARG B 14 16.00 -1.35 20.42
N ARG B 15 16.84 -0.64 21.19
CA ARG B 15 16.75 -0.75 22.65
C ARG B 15 15.38 -0.30 23.24
N ALA B 16 14.78 0.78 22.75
CA ALA B 16 13.45 1.15 23.24
C ALA B 16 12.37 0.07 22.93
N LEU B 17 12.50 -0.57 21.78
CA LEU B 17 11.61 -1.67 21.41
C LEU B 17 11.81 -2.91 22.31
N SER B 18 13.05 -3.35 22.56
CA SER B 18 13.32 -4.36 23.54
C SER B 18 12.63 -4.20 24.92
N ALA B 19 12.74 -3.00 25.50
CA ALA B 19 12.10 -2.62 26.77
C ALA B 19 10.56 -2.71 26.73
N GLN B 20 9.98 -2.68 25.54
CA GLN B 20 8.53 -2.83 25.37
C GLN B 20 8.06 -4.30 25.35
N LEU B 21 8.97 -5.26 25.13
CA LEU B 21 8.56 -6.62 24.85
C LEU B 21 7.86 -7.31 26.04
N ALA B 22 8.32 -7.02 27.25
CA ALA B 22 7.79 -7.70 28.41
C ALA B 22 6.30 -7.41 28.52
N ALA B 23 5.94 -6.14 28.55
CA ALA B 23 4.52 -5.74 28.55
C ALA B 23 3.70 -6.27 27.39
N LYS B 24 4.34 -6.61 26.26
CA LYS B 24 3.57 -7.18 25.12
C LYS B 24 3.54 -8.69 25.21
N ARG B 25 4.07 -9.22 26.31
CA ARG B 25 4.06 -10.65 26.54
C ARG B 25 4.79 -11.42 25.42
N ILE B 26 5.90 -10.87 24.96
CA ILE B 26 6.70 -11.57 23.96
C ILE B 26 8.20 -11.54 24.34
N ASP B 27 8.98 -12.45 23.73
CA ASP B 27 10.37 -12.52 23.99
C ASP B 27 11.21 -11.98 22.84
N ALA B 28 10.59 -11.75 21.70
CA ALA B 28 11.24 -11.26 20.49
C ALA B 28 10.13 -10.65 19.63
N LEU B 30 9.24 -9.87 15.57
CA LEU B 30 9.62 -10.02 14.18
C LEU B 30 8.99 -8.91 13.41
N VAL B 31 9.81 -8.08 12.80
CA VAL B 31 9.36 -6.87 12.15
C VAL B 31 9.47 -7.08 10.64
N THR B 32 8.36 -6.88 9.94
CA THR B 32 8.26 -7.09 8.50
C THR B 32 7.88 -5.87 7.65
N HIS B 33 7.23 -4.87 8.26
CA HIS B 33 6.86 -3.66 7.57
C HIS B 33 8.13 -2.84 7.29
N LEU B 34 8.39 -2.59 6.01
CA LEU B 34 9.68 -2.05 5.58
C LEU B 34 10.06 -0.69 6.23
N THR B 35 9.13 0.23 6.35
CA THR B 35 9.47 1.55 6.93
C THR B 35 9.79 1.33 8.38
N HIS B 36 9.20 0.33 9.03
CA HIS B 36 9.61 0.01 10.42
C HIS B 36 11.00 -0.60 10.53
N ILE B 37 11.38 -1.44 9.60
CA ILE B 37 12.76 -2.03 9.57
C ILE B 37 13.85 -0.94 9.33
N ARG B 38 13.52 -0.03 8.41
CA ARG B 38 14.36 1.07 8.04
C ARG B 38 14.60 1.95 9.30
N TYR B 39 13.51 2.26 9.97
CA TYR B 39 13.56 3.08 11.16
C TYR B 39 14.44 2.45 12.26
N LEU B 40 14.40 1.15 12.39
CA LEU B 40 15.14 0.41 13.42
C LEU B 40 16.54 0.05 13.03
N SER B 41 16.87 0.11 11.75
CA SER B 41 18.15 -0.37 11.31
C SER B 41 18.91 0.50 10.35
N GLY B 42 18.22 1.32 9.59
CA GLY B 42 18.84 2.08 8.54
C GLY B 42 18.89 1.44 7.17
N PHE B 43 18.41 0.22 7.05
CA PHE B 43 18.45 -0.44 5.77
C PHE B 43 17.33 0.09 4.89
N THR B 44 17.64 0.53 3.67
CA THR B 44 16.68 1.20 2.84
C THR B 44 16.21 0.40 1.64
N GLY B 45 16.51 -0.89 1.59
CA GLY B 45 16.18 -1.71 0.43
C GLY B 45 14.73 -2.14 0.48
N SER B 46 14.30 -2.90 -0.53
CA SER B 46 12.85 -3.14 -0.72
C SER B 46 12.37 -4.51 -0.22
N ASN B 47 13.28 -5.30 0.36
CA ASN B 47 12.92 -6.62 0.86
C ASN B 47 13.76 -6.89 2.09
N ALA B 48 13.12 -7.24 3.19
CA ALA B 48 13.85 -7.50 4.41
C ALA B 48 12.93 -8.02 5.49
N ALA B 49 13.52 -8.51 6.56
CA ALA B 49 12.78 -8.79 7.80
C ALA B 49 13.82 -8.62 8.89
N LEU B 50 13.36 -8.37 10.11
CA LEU B 50 14.23 -8.02 11.21
C LEU B 50 13.72 -8.65 12.48
N ILE B 51 14.57 -9.33 13.19
CA ILE B 51 14.13 -9.84 14.50
C ILE B 51 14.84 -9.01 15.61
N ILE B 52 14.12 -8.56 16.62
CA ILE B 52 14.76 -7.86 17.74
C ILE B 52 14.45 -8.68 19.02
N ASN B 53 15.48 -9.02 19.81
CA ASN B 53 15.30 -9.86 21.00
C ASN B 53 15.29 -9.14 22.32
N LYS B 54 14.78 -9.79 23.35
CA LYS B 54 14.66 -9.10 24.64
C LYS B 54 16.05 -8.85 25.25
N ASP B 55 16.97 -9.72 24.95
CA ASP B 55 18.34 -9.51 25.39
C ASP B 55 19.08 -8.46 24.57
N LEU B 56 18.40 -7.71 23.69
CA LEU B 56 19.00 -6.63 22.90
C LEU B 56 19.80 -7.07 21.66
N SER B 57 19.98 -8.38 21.43
CA SER B 57 20.50 -8.81 20.15
C SER B 57 19.42 -8.66 19.02
N ALA B 58 19.90 -8.80 17.80
CA ALA B 58 19.09 -8.69 16.62
C ALA B 58 19.67 -9.49 15.49
N ARG B 59 18.81 -9.74 14.52
CA ARG B 59 19.16 -10.38 13.29
C ARG B 59 18.30 -9.84 12.16
N ILE B 60 18.91 -9.63 10.99
CA ILE B 60 18.27 -9.02 9.86
C ILE B 60 18.43 -9.96 8.67
N SER B 61 17.51 -9.90 7.74
CA SER B 61 17.55 -10.74 6.54
C SER B 61 17.12 -9.90 5.34
N THR B 62 17.80 -10.08 4.21
CA THR B 62 17.44 -9.53 2.96
C THR B 62 17.89 -10.51 1.89
N ASP B 63 17.59 -10.23 0.61
CA ASP B 63 17.91 -11.23 -0.46
C ASP B 63 19.24 -10.86 -1.13
N GLY B 64 19.72 -11.67 -2.06
CA GLY B 64 21.08 -11.50 -2.56
C GLY B 64 21.35 -10.23 -3.33
N ARG B 65 20.30 -9.56 -3.79
CA ARG B 65 20.54 -8.24 -4.36
C ARG B 65 21.20 -7.29 -3.37
N TYR B 66 20.92 -7.50 -2.11
CA TYR B 66 21.25 -6.52 -1.07
C TYR B 66 22.41 -6.94 -0.17
N ILE B 67 23.21 -7.93 -0.56
CA ILE B 67 24.28 -8.44 0.33
C ILE B 67 25.23 -7.33 0.71
N THR B 68 25.81 -6.68 -0.29
CA THR B 68 26.70 -5.56 -0.09
C THR B 68 26.00 -4.37 0.61
N GLN B 69 24.78 -4.04 0.20
CA GLN B 69 24.13 -2.86 0.75
C GLN B 69 23.89 -2.98 2.22
N ILE B 70 23.51 -4.16 2.65
CA ILE B 70 23.10 -4.34 4.03
C ILE B 70 24.26 -4.42 4.98
N ALA B 71 25.42 -4.95 4.55
CA ALA B 71 26.66 -4.88 5.31
C ALA B 71 27.17 -3.39 5.41
N GLU B 72 26.87 -2.58 4.40
CA GLU B 72 27.27 -1.19 4.40
C GLU B 72 26.36 -0.34 5.28
N GLN B 73 25.05 -0.59 5.19
CA GLN B 73 24.05 0.24 5.83
C GLN B 73 23.73 -0.22 7.20
N VAL B 74 23.96 -1.50 7.47
CA VAL B 74 23.67 -2.10 8.75
C VAL B 74 24.90 -2.85 9.26
N PRO B 75 25.96 -2.12 9.64
CA PRO B 75 27.15 -2.87 9.99
C PRO B 75 27.10 -3.57 11.37
N ASP B 76 26.03 -3.34 12.14
CA ASP B 76 26.00 -3.72 13.52
C ASP B 76 24.98 -4.84 13.78
N ILE B 77 24.38 -5.38 12.74
CA ILE B 77 23.45 -6.49 12.91
C ILE B 77 23.89 -7.63 11.95
N GLU B 78 24.05 -8.85 12.48
CA GLU B 78 24.36 -10.00 11.62
C GLU B 78 23.20 -10.24 10.67
N SER B 79 23.52 -10.54 9.41
CA SER B 79 22.52 -10.73 8.38
C SER B 79 22.42 -12.17 7.94
N LEU B 80 21.27 -12.51 7.37
CA LEU B 80 20.98 -13.81 6.80
C LEU B 80 20.41 -13.59 5.42
N ALA B 82 18.33 -14.44 2.38
CA ALA B 82 17.19 -15.28 2.02
C ALA B 82 16.27 -14.45 1.12
N ARG B 83 15.56 -15.13 0.24
CA ARG B 83 14.58 -14.45 -0.56
C ARG B 83 13.28 -14.23 0.19
N ASN B 84 12.82 -15.21 0.96
CA ASN B 84 11.59 -15.02 1.75
CA ASN B 84 11.56 -15.01 1.77
C ASN B 84 12.06 -14.76 3.18
N CYS B 85 12.20 -13.48 3.55
CA CYS B 85 13.01 -13.16 4.72
C CYS B 85 12.44 -13.55 6.04
N ALA B 86 11.19 -13.28 6.28
CA ALA B 86 10.63 -13.54 7.62
C ALA B 86 10.61 -15.05 7.97
N PRO B 87 10.15 -15.90 7.06
CA PRO B 87 10.20 -17.32 7.44
C PRO B 87 11.62 -17.79 7.69
N ALA B 88 12.59 -17.28 6.92
CA ALA B 88 14.01 -17.67 7.12
C ALA B 88 14.48 -17.26 8.50
N LEU B 89 14.18 -16.05 8.99
CA LEU B 89 14.63 -15.68 10.31
C LEU B 89 13.91 -16.54 11.35
N LEU B 90 12.64 -16.78 11.12
CA LEU B 90 11.85 -17.45 12.16
C LEU B 90 12.23 -18.93 12.26
N SER B 91 12.56 -19.56 11.13
CA SER B 91 13.14 -20.89 11.08
C SER B 91 14.32 -21.13 11.97
N ASP B 92 15.18 -20.13 12.08
CA ASP B 92 16.42 -20.29 12.79
C ASP B 92 16.26 -20.05 14.28
N ILE B 93 15.08 -19.70 14.75
CA ILE B 93 14.89 -19.44 16.17
C ILE B 93 14.63 -20.75 16.93
N ASN B 94 15.27 -20.90 18.09
CA ASN B 94 15.10 -22.09 18.92
C ASN B 94 14.17 -21.87 20.12
N GLY B 95 13.21 -22.75 20.31
CA GLY B 95 12.31 -22.65 21.47
C GLY B 95 12.99 -22.88 22.82
N PRO B 96 12.31 -22.53 23.93
CA PRO B 96 11.00 -21.88 23.94
C PRO B 96 11.09 -20.38 23.71
N LYS B 97 10.17 -19.85 22.91
CA LYS B 97 10.18 -18.42 22.61
C LYS B 97 8.86 -17.90 22.13
N ARG B 98 8.40 -16.78 22.69
CA ARG B 98 7.20 -16.11 22.20
C ARG B 98 7.65 -14.99 21.25
N VAL B 99 7.28 -15.14 19.99
CA VAL B 99 7.64 -14.19 18.95
C VAL B 99 6.44 -13.38 18.48
N GLY B 100 6.51 -12.09 18.70
CA GLY B 100 5.49 -11.20 18.19
C GLY B 100 5.64 -10.93 16.71
N PHE B 101 4.53 -10.63 16.08
CA PHE B 101 4.55 -10.20 14.67
C PHE B 101 3.52 -9.08 14.51
N GLU B 102 3.65 -8.27 13.44
CA GLU B 102 2.92 -7.03 13.32
C GLU B 102 1.57 -7.38 12.72
N ALA B 103 0.60 -7.60 13.56
CA ALA B 103 -0.68 -8.16 13.07
C ALA B 103 -1.44 -7.16 12.17
N ASP B 104 -1.16 -5.88 12.31
CA ASP B 104 -1.86 -4.85 11.52
C ASP B 104 -1.27 -4.72 10.09
N TYR B 105 -0.17 -5.41 9.82
CA TYR B 105 0.53 -5.27 8.54
C TYR B 105 0.76 -6.61 7.84
N LEU B 106 0.67 -7.73 8.51
CA LEU B 106 0.87 -9.03 7.83
C LEU B 106 -0.52 -9.51 7.39
N SER B 107 -0.68 -9.93 6.13
CA SER B 107 -1.94 -10.53 5.70
C SER B 107 -2.20 -11.88 6.34
N VAL B 108 -3.47 -12.24 6.36
CA VAL B 108 -3.87 -13.53 6.90
C VAL B 108 -3.03 -14.64 6.18
N SER B 109 -2.89 -14.53 4.88
CA SER B 109 -2.12 -15.53 4.09
C SER B 109 -0.63 -15.58 4.45
N GLN B 110 0.02 -14.42 4.54
CA GLN B 110 1.42 -14.35 4.99
C GLN B 110 1.52 -14.95 6.40
N CYS B 111 0.56 -14.68 7.24
CA CYS B 111 0.58 -15.21 8.57
C CYS B 111 0.46 -16.74 8.60
N GLU B 112 -0.37 -17.31 7.74
CA GLU B 112 -0.42 -18.76 7.61
C GLU B 112 0.91 -19.36 7.09
N GLU B 113 1.59 -18.69 6.17
CA GLU B 113 2.87 -19.23 5.66
C GLU B 113 3.93 -19.19 6.80
N LEU B 114 3.90 -18.13 7.57
CA LEU B 114 4.79 -17.98 8.70
C LEU B 114 4.59 -19.02 9.81
N ARG B 115 3.35 -19.32 10.23
CA ARG B 115 3.16 -20.36 11.26
C ARG B 115 3.99 -21.65 10.99
N LYS B 116 4.28 -21.96 9.73
CA LYS B 116 4.96 -23.23 9.38
C LYS B 116 6.47 -23.21 9.63
N SER B 117 7.02 -22.03 9.94
CA SER B 117 8.43 -21.96 10.22
C SER B 117 8.64 -21.90 11.69
N ALA B 118 7.57 -21.82 12.46
CA ALA B 118 7.71 -21.90 13.88
C ALA B 118 8.04 -23.32 14.42
N GLY B 119 9.25 -23.48 14.96
CA GLY B 119 9.67 -24.74 15.59
C GLY B 119 8.98 -25.00 16.93
N SER B 120 9.45 -26.04 17.62
CA SER B 120 8.74 -26.49 18.81
C SER B 120 8.89 -25.47 19.99
N ASP B 121 7.76 -25.10 20.60
CA ASP B 121 7.72 -24.14 21.69
C ASP B 121 8.20 -22.72 21.17
N VAL B 122 7.99 -22.45 19.89
CA VAL B 122 8.06 -21.11 19.36
C VAL B 122 6.62 -20.71 19.09
N GLU B 123 6.10 -19.77 19.90
CA GLU B 123 4.72 -19.32 19.82
C GLU B 123 4.64 -17.96 19.07
N LEU B 124 3.74 -17.84 18.08
CA LEU B 124 3.60 -16.63 17.30
C LEU B 124 2.47 -15.77 17.85
N ILE B 125 2.85 -14.61 18.35
CA ILE B 125 1.91 -13.77 19.09
C ILE B 125 1.56 -12.50 18.24
N PRO B 126 0.25 -12.32 17.90
CA PRO B 126 -0.18 -11.14 17.13
C PRO B 126 -0.03 -9.87 17.93
N VAL B 127 0.65 -8.87 17.39
CA VAL B 127 0.81 -7.63 18.14
C VAL B 127 0.38 -6.43 17.26
N THR B 128 -0.49 -5.59 17.79
CA THR B 128 -1.07 -4.49 17.05
C THR B 128 -0.25 -3.21 17.25
N PRO C 4 -22.78 21.87 -2.63
CA PRO C 4 -21.60 21.69 -1.75
C PRO C 4 -20.31 22.32 -2.31
N LEU C 5 -20.16 23.64 -2.13
CA LEU C 5 -19.14 24.47 -2.84
C LEU C 5 -18.23 25.24 -1.87
N ALA C 6 -16.92 25.20 -2.16
CA ALA C 6 -15.93 25.70 -1.22
C ALA C 6 -15.64 27.19 -1.40
N ASP C 7 -15.62 27.89 -0.27
CA ASP C 7 -15.03 29.21 -0.16
C ASP C 7 -13.62 29.28 -0.81
N THR C 8 -13.50 30.28 -1.69
CA THR C 8 -12.35 30.57 -2.55
C THR C 8 -11.20 30.94 -1.71
N ARG C 9 -11.46 31.53 -0.56
CA ARG C 9 -10.36 31.92 0.27
C ARG C 9 -9.46 30.75 0.72
N PHE C 10 -10.00 29.54 0.86
CA PHE C 10 -9.14 28.49 1.43
C PHE C 10 -8.13 28.13 0.39
N LEU C 11 -8.58 27.99 -0.85
CA LEU C 11 -7.67 27.71 -1.95
C LEU C 11 -6.62 28.83 -2.13
N GLN C 12 -6.99 30.11 -1.95
CA GLN C 12 -6.01 31.18 -1.98
C GLN C 12 -4.91 30.98 -0.93
N ARG C 13 -5.30 30.52 0.25
CA ARG C 13 -4.35 30.40 1.33
C ARG C 13 -3.49 29.20 1.10
N ARG C 14 -4.02 28.16 0.48
CA ARG C 14 -3.23 26.99 0.17
C ARG C 14 -2.18 27.32 -0.93
N ARG C 15 -2.62 28.04 -1.96
CA ARG C 15 -1.69 28.58 -2.95
C ARG C 15 -0.60 29.47 -2.36
N ALA C 16 -0.93 30.34 -1.39
CA ALA C 16 0.10 31.15 -0.72
C ALA C 16 1.08 30.25 0.00
N LEU C 17 0.62 29.16 0.58
CA LEU C 17 1.51 28.20 1.17
C LEU C 17 2.36 27.43 0.12
N SER C 18 1.72 26.78 -0.84
CA SER C 18 2.46 26.15 -1.97
C SER C 18 3.54 27.04 -2.60
N ALA C 19 3.26 28.34 -2.77
CA ALA C 19 4.25 29.21 -3.42
C ALA C 19 5.46 29.51 -2.54
N GLN C 20 5.54 28.95 -1.33
CA GLN C 20 6.74 29.07 -0.49
C GLN C 20 7.61 27.80 -0.50
N LEU C 21 7.09 26.70 -1.01
CA LEU C 21 7.75 25.40 -0.87
C LEU C 21 9.08 25.33 -1.60
N ALA C 22 9.13 25.83 -2.83
CA ALA C 22 10.32 25.80 -3.70
C ALA C 22 11.49 26.54 -3.07
N ALA C 23 11.19 27.64 -2.39
CA ALA C 23 12.21 28.41 -1.65
C ALA C 23 12.81 27.61 -0.47
N LYS C 24 11.97 26.85 0.23
CA LYS C 24 12.46 25.98 1.32
C LYS C 24 13.01 24.65 0.76
N ARG C 25 12.85 24.46 -0.55
CA ARG C 25 13.35 23.28 -1.21
C ARG C 25 12.65 22.04 -0.65
N ILE C 26 11.34 22.13 -0.52
CA ILE C 26 10.54 21.04 -0.04
C ILE C 26 9.46 20.77 -1.09
N ASP C 27 9.00 19.52 -1.16
CA ASP C 27 8.04 19.06 -2.17
C ASP C 27 6.53 19.10 -1.67
N ALA C 28 6.36 18.94 -0.38
CA ALA C 28 5.06 18.93 0.21
C ALA C 28 5.28 19.42 1.64
N LEU C 30 3.41 19.00 5.42
CA LEU C 30 2.51 18.28 6.30
C LEU C 30 2.12 19.19 7.48
N VAL C 31 0.88 19.63 7.50
CA VAL C 31 0.35 20.57 8.48
C VAL C 31 -0.40 19.75 9.47
N THR C 32 -0.03 19.87 10.74
CA THR C 32 -0.62 19.08 11.82
C THR C 32 -1.34 19.92 12.88
N HIS C 33 -1.00 21.18 12.99
CA HIS C 33 -1.61 22.02 14.00
C HIS C 33 -3.00 22.38 13.54
N LEU C 34 -3.97 22.13 14.43
CA LEU C 34 -5.34 22.20 14.08
C LEU C 34 -5.77 23.59 13.55
N THR C 35 -5.30 24.68 14.14
CA THR C 35 -5.73 26.00 13.69
C THR C 35 -5.16 26.33 12.28
N HIS C 36 -3.98 25.81 11.96
CA HIS C 36 -3.44 25.93 10.64
C HIS C 36 -4.25 25.08 9.65
N ILE C 37 -4.67 23.88 10.06
CA ILE C 37 -5.51 23.05 9.22
C ILE C 37 -6.82 23.80 9.01
N ARG C 38 -7.46 24.30 10.06
CA ARG C 38 -8.73 25.04 9.86
C ARG C 38 -8.49 26.20 8.90
N TYR C 39 -7.41 26.96 9.12
CA TYR C 39 -7.14 28.11 8.29
C TYR C 39 -6.93 27.76 6.81
N LEU C 40 -6.31 26.63 6.53
CA LEU C 40 -6.04 26.26 5.15
C LEU C 40 -7.15 25.46 4.49
N SER C 41 -8.06 24.87 5.26
CA SER C 41 -9.06 24.03 4.64
C SER C 41 -10.51 24.31 5.00
N GLY C 42 -10.76 24.88 6.13
CA GLY C 42 -12.13 25.05 6.53
C GLY C 42 -12.54 23.96 7.53
N PHE C 43 -11.69 22.95 7.77
CA PHE C 43 -12.13 21.84 8.59
C PHE C 43 -11.94 22.15 10.04
N THR C 44 -12.95 21.85 10.83
CA THR C 44 -13.03 22.30 12.20
C THR C 44 -12.92 21.22 13.28
N GLY C 45 -12.89 19.94 12.91
CA GLY C 45 -12.87 18.89 13.93
C GLY C 45 -11.56 18.74 14.69
N SER C 46 -11.51 17.85 15.67
CA SER C 46 -10.39 17.85 16.64
C SER C 46 -9.20 16.95 16.25
N ASN C 47 -9.32 16.26 15.12
CA ASN C 47 -8.28 15.34 14.76
C ASN C 47 -8.20 15.43 13.25
N ALA C 48 -7.02 15.74 12.74
CA ALA C 48 -6.82 15.94 11.38
C ALA C 48 -5.38 16.06 10.98
N ALA C 49 -5.12 15.88 9.69
CA ALA C 49 -3.89 16.27 9.16
C ALA C 49 -4.11 16.63 7.73
N LEU C 50 -3.19 17.44 7.22
CA LEU C 50 -3.30 18.05 5.90
C LEU C 50 -1.94 18.10 5.18
N ILE C 51 -1.87 17.54 3.97
CA ILE C 51 -0.70 17.68 3.10
C ILE C 51 -0.99 18.63 1.97
N ILE C 52 -0.11 19.60 1.76
CA ILE C 52 -0.20 20.56 0.64
C ILE C 52 1.04 20.30 -0.26
N ASN C 53 0.84 19.96 -1.52
CA ASN C 53 1.95 19.66 -2.43
C ASN C 53 2.40 20.87 -3.21
N LYS C 54 3.67 20.88 -3.59
CA LYS C 54 4.22 21.97 -4.41
C LYS C 54 3.40 22.17 -5.66
N ASP C 55 2.82 21.09 -6.17
CA ASP C 55 2.05 21.12 -7.41
C ASP C 55 0.65 21.66 -7.24
N LEU C 56 0.36 22.22 -6.06
CA LEU C 56 -0.97 22.77 -5.74
C LEU C 56 -2.06 21.73 -5.39
N SER C 57 -1.78 20.43 -5.53
CA SER C 57 -2.74 19.41 -5.03
C SER C 57 -2.63 19.33 -3.51
N ALA C 58 -3.61 18.71 -2.86
CA ALA C 58 -3.59 18.58 -1.41
C ALA C 58 -4.33 17.33 -1.03
N ARG C 59 -4.13 16.90 0.19
CA ARG C 59 -4.84 15.78 0.69
C ARG C 59 -5.02 15.93 2.15
N ILE C 60 -6.23 15.57 2.63
CA ILE C 60 -6.62 15.82 4.02
C ILE C 60 -7.05 14.50 4.66
N SER C 61 -6.92 14.38 5.97
CA SER C 61 -7.23 13.14 6.62
C SER C 61 -7.89 13.39 7.96
N THR C 62 -8.86 12.55 8.35
CA THR C 62 -9.50 12.62 9.67
C THR C 62 -10.03 11.27 10.03
N ASP C 63 -10.48 11.07 11.27
CA ASP C 63 -11.02 9.74 11.64
C ASP C 63 -12.53 9.62 11.41
N GLY C 64 -13.07 8.42 11.61
CA GLY C 64 -14.51 8.16 11.37
C GLY C 64 -15.52 9.08 11.99
N ARG C 65 -15.23 9.62 13.17
CA ARG C 65 -16.11 10.64 13.82
C ARG C 65 -16.43 11.88 12.98
N TYR C 66 -15.49 12.29 12.15
CA TYR C 66 -15.56 13.53 11.40
C TYR C 66 -15.56 13.29 9.91
N ILE C 67 -15.65 12.06 9.44
CA ILE C 67 -15.39 11.84 7.98
C ILE C 67 -16.53 12.38 7.13
N THR C 68 -17.73 12.30 7.65
CA THR C 68 -18.85 12.91 6.93
C THR C 68 -18.75 14.42 6.93
N GLN C 69 -18.48 14.99 8.09
CA GLN C 69 -18.32 16.44 8.21
C GLN C 69 -17.24 16.94 7.26
N ILE C 70 -16.13 16.21 7.11
CA ILE C 70 -15.05 16.76 6.30
C ILE C 70 -15.46 16.91 4.86
N ALA C 71 -16.25 15.98 4.38
CA ALA C 71 -16.75 16.04 3.04
C ALA C 71 -17.62 17.28 2.88
N GLU C 72 -18.37 17.62 3.90
CA GLU C 72 -19.27 18.77 3.83
C GLU C 72 -18.48 20.10 4.01
N GLN C 73 -17.55 20.14 4.99
CA GLN C 73 -16.80 21.39 5.25
C GLN C 73 -15.68 21.63 4.24
N VAL C 74 -15.12 20.55 3.72
CA VAL C 74 -14.02 20.65 2.79
C VAL C 74 -14.33 19.86 1.51
N PRO C 75 -15.16 20.41 0.64
CA PRO C 75 -15.51 19.62 -0.52
C PRO C 75 -14.51 19.58 -1.61
N ASP C 76 -13.46 20.38 -1.52
CA ASP C 76 -12.51 20.50 -2.64
C ASP C 76 -11.19 19.77 -2.42
N ILE C 77 -11.07 19.02 -1.33
CA ILE C 77 -9.84 18.25 -1.05
C ILE C 77 -10.18 16.78 -0.79
N GLU C 78 -9.51 15.90 -1.52
CA GLU C 78 -9.66 14.46 -1.27
C GLU C 78 -9.27 14.16 0.16
N SER C 79 -10.06 13.29 0.80
CA SER C 79 -9.83 12.88 2.16
C SER C 79 -9.48 11.40 2.31
N LEU C 80 -8.78 11.11 3.40
CA LEU C 80 -8.41 9.76 3.82
C LEU C 80 -8.92 9.56 5.19
N ALA C 82 -8.63 7.85 8.59
CA ALA C 82 -7.58 7.14 9.37
C ALA C 82 -7.61 7.64 10.80
N ARG C 83 -7.30 6.77 11.73
CA ARG C 83 -7.30 7.12 13.15
C ARG C 83 -6.06 7.93 13.48
N ASN C 84 -4.94 7.58 12.87
CA ASN C 84 -3.70 8.35 13.04
C ASN C 84 -3.38 9.10 11.76
N CYS C 85 -3.81 10.35 11.71
CA CYS C 85 -3.95 11.06 10.43
C CYS C 85 -2.68 11.37 9.73
N ALA C 86 -1.70 11.91 10.44
CA ALA C 86 -0.48 12.33 9.73
C ALA C 86 0.38 11.18 9.24
N PRO C 87 0.61 10.12 10.08
CA PRO C 87 1.39 8.93 9.57
C PRO C 87 0.66 8.28 8.40
N ALA C 88 -0.66 8.29 8.43
CA ALA C 88 -1.42 7.69 7.28
C ALA C 88 -1.20 8.46 5.99
N LEU C 89 -1.23 9.79 6.04
CA LEU C 89 -1.02 10.59 4.84
C LEU C 89 0.45 10.36 4.41
N LEU C 90 1.35 10.33 5.35
CA LEU C 90 2.76 10.21 4.99
C LEU C 90 3.10 8.85 4.44
N SER C 91 2.47 7.79 4.97
CA SER C 91 2.80 6.46 4.52
C SER C 91 2.45 6.26 3.03
N ASP C 92 1.55 7.08 2.48
CA ASP C 92 1.15 6.98 1.08
C ASP C 92 2.09 7.67 0.11
N ILE C 93 3.01 8.49 0.62
CA ILE C 93 3.89 9.22 -0.22
C ILE C 93 4.98 8.31 -0.69
N ASN C 94 5.12 8.28 -2.01
CA ASN C 94 6.29 7.69 -2.66
C ASN C 94 7.44 8.70 -2.95
N GLY C 95 8.66 8.29 -2.60
CA GLY C 95 9.83 9.12 -2.81
C GLY C 95 10.32 9.08 -4.25
N PRO C 96 11.47 9.75 -4.52
CA PRO C 96 12.09 10.69 -3.55
C PRO C 96 11.18 11.91 -3.30
N LYS C 97 11.11 12.36 -2.03
CA LYS C 97 10.31 13.52 -1.68
C LYS C 97 10.92 14.12 -0.42
N ARG C 98 11.00 15.46 -0.38
CA ARG C 98 11.24 16.19 0.83
C ARG C 98 9.90 16.74 1.40
N VAL C 99 9.60 16.39 2.64
CA VAL C 99 8.33 16.66 3.22
C VAL C 99 8.55 17.49 4.43
N GLY C 100 7.97 18.68 4.43
CA GLY C 100 8.02 19.59 5.57
C GLY C 100 7.10 19.21 6.71
N PHE C 101 7.58 19.44 7.93
CA PHE C 101 6.73 19.33 9.10
C PHE C 101 6.93 20.56 9.97
N GLU C 102 5.91 20.82 10.78
CA GLU C 102 5.80 22.01 11.61
C GLU C 102 6.58 21.83 12.93
N ALA C 103 7.85 22.13 12.87
CA ALA C 103 8.77 21.84 13.97
C ALA C 103 8.40 22.57 15.30
N ASP C 104 7.83 23.77 15.21
CA ASP C 104 7.38 24.50 16.38
C ASP C 104 6.10 23.99 16.99
N TYR C 105 5.40 23.07 16.31
CA TYR C 105 4.09 22.61 16.80
C TYR C 105 3.95 21.10 17.00
N LEU C 106 4.69 20.31 16.24
CA LEU C 106 4.58 18.86 16.29
C LEU C 106 5.29 18.34 17.50
N SER C 107 4.61 17.54 18.31
CA SER C 107 5.26 16.97 19.46
C SER C 107 6.37 15.95 19.12
N VAL C 108 7.26 15.72 20.08
CA VAL C 108 8.32 14.71 19.94
C VAL C 108 7.67 13.33 19.70
N SER C 109 6.66 12.98 20.48
CA SER C 109 6.04 11.67 20.27
C SER C 109 5.40 11.61 18.89
N GLN C 110 4.72 12.67 18.43
CA GLN C 110 4.07 12.57 17.07
C GLN C 110 5.14 12.54 16.00
N CYS C 111 6.25 13.20 16.27
CA CYS C 111 7.35 13.18 15.30
C CYS C 111 7.99 11.80 15.06
N GLU C 112 8.20 11.05 16.10
CA GLU C 112 8.70 9.69 15.96
C GLU C 112 7.69 8.84 15.24
N GLU C 113 6.39 9.04 15.47
CA GLU C 113 5.42 8.27 14.67
C GLU C 113 5.49 8.60 13.20
N LEU C 114 5.75 9.84 12.83
CA LEU C 114 6.00 10.12 11.44
C LEU C 114 7.21 9.40 10.96
N ARG C 115 8.32 9.42 11.70
CA ARG C 115 9.56 8.86 11.12
C ARG C 115 9.33 7.36 11.00
N LYS C 116 8.49 6.78 11.85
CA LYS C 116 8.29 5.34 11.68
C LYS C 116 7.58 5.03 10.36
N SER C 117 6.79 5.96 9.82
CA SER C 117 5.87 5.64 8.76
C SER C 117 6.36 6.08 7.41
N ALA C 118 7.37 6.91 7.41
CA ALA C 118 8.01 7.43 6.19
C ALA C 118 8.91 6.45 5.39
N GLY C 119 8.72 6.37 4.08
CA GLY C 119 9.49 5.49 3.20
C GLY C 119 10.95 5.86 3.11
N SER C 120 11.76 4.99 2.50
CA SER C 120 13.21 5.25 2.42
C SER C 120 13.53 6.57 1.71
N ASP C 121 12.83 6.86 0.64
CA ASP C 121 13.23 8.03 -0.12
C ASP C 121 12.51 9.34 0.38
N VAL C 122 11.84 9.30 1.56
CA VAL C 122 11.09 10.43 2.07
C VAL C 122 11.81 11.09 3.24
N GLU C 123 12.35 12.28 2.98
CA GLU C 123 13.13 12.98 3.96
C GLU C 123 12.19 13.91 4.66
N LEU C 124 12.18 13.92 5.96
CA LEU C 124 11.33 14.86 6.70
C LEU C 124 12.16 16.08 7.05
N ILE C 125 11.64 17.29 6.76
CA ILE C 125 12.41 18.55 6.95
C ILE C 125 11.73 19.42 7.99
N PRO C 126 12.44 19.84 9.05
CA PRO C 126 11.80 20.73 9.98
C PRO C 126 11.65 22.12 9.39
N VAL C 127 10.41 22.62 9.41
CA VAL C 127 10.06 23.95 8.96
C VAL C 127 9.42 24.75 10.13
N THR C 128 9.84 25.99 10.28
CA THR C 128 9.42 26.84 11.39
C THR C 128 8.69 28.05 10.84
N GLY C 129 7.77 28.63 11.62
CA GLY C 129 7.11 29.90 11.23
C GLY C 129 5.61 30.15 11.53
N ALA C 130 4.93 30.78 10.55
CA ALA C 130 3.55 31.29 10.73
C ALA C 130 2.71 30.93 9.51
N ILE C 131 2.99 29.75 8.92
CA ILE C 131 2.52 29.35 7.59
C ILE C 131 2.06 30.53 6.72
N THR D 8 25.14 0.34 -21.90
CA THR D 8 25.00 1.73 -22.42
C THR D 8 23.80 1.92 -23.36
N ARG D 9 23.67 1.04 -24.36
CA ARG D 9 22.63 1.18 -25.39
C ARG D 9 21.22 0.99 -24.82
N PHE D 10 21.14 0.17 -23.77
CA PHE D 10 19.87 -0.07 -23.11
C PHE D 10 19.22 1.21 -22.62
N LEU D 11 19.96 1.99 -21.84
CA LEU D 11 19.50 3.32 -21.40
C LEU D 11 19.10 4.22 -22.59
N GLN D 12 19.90 4.21 -23.66
CA GLN D 12 19.58 4.95 -24.90
C GLN D 12 18.21 4.54 -25.45
N ARG D 13 18.04 3.23 -25.59
CA ARG D 13 16.74 2.63 -25.89
C ARG D 13 15.57 3.12 -24.98
N ARG D 14 15.73 3.03 -23.67
CA ARG D 14 14.67 3.46 -22.75
C ARG D 14 14.39 4.94 -22.88
N ARG D 15 15.46 5.70 -23.06
CA ARG D 15 15.40 7.15 -23.31
C ARG D 15 14.63 7.46 -24.60
N ALA D 16 14.78 6.63 -25.62
CA ALA D 16 14.05 6.82 -26.89
C ALA D 16 12.57 6.53 -26.70
N LEU D 17 12.26 5.43 -26.03
CA LEU D 17 10.86 5.07 -25.79
C LEU D 17 10.21 6.11 -24.91
N SER D 18 10.83 6.43 -23.77
CA SER D 18 10.44 7.56 -22.95
C SER D 18 10.05 8.83 -23.79
N ALA D 19 10.77 9.08 -24.88
CA ALA D 19 10.51 10.24 -25.72
C ALA D 19 9.37 10.07 -26.74
N GLN D 20 8.86 8.85 -26.93
CA GLN D 20 7.67 8.68 -27.78
C GLN D 20 6.39 8.84 -26.95
N LEU D 21 6.53 8.76 -25.63
CA LEU D 21 5.37 8.73 -24.72
C LEU D 21 4.48 9.97 -24.79
N ALA D 22 5.07 11.16 -24.87
CA ALA D 22 4.28 12.38 -24.99
C ALA D 22 3.46 12.36 -26.29
N ALA D 23 4.08 11.88 -27.37
CA ALA D 23 3.41 11.78 -28.67
C ALA D 23 2.22 10.81 -28.61
N LYS D 24 2.33 9.78 -27.76
CA LYS D 24 1.20 8.85 -27.54
C LYS D 24 0.30 9.28 -26.36
N ARG D 25 0.59 10.44 -25.76
CA ARG D 25 -0.19 11.02 -24.63
C ARG D 25 -0.43 10.02 -23.47
N ILE D 26 0.67 9.47 -22.96
CA ILE D 26 0.69 8.55 -21.84
C ILE D 26 1.86 8.91 -20.95
N ASP D 27 1.72 8.56 -19.67
CA ASP D 27 2.71 8.89 -18.64
C ASP D 27 3.80 7.83 -18.44
N ALA D 28 3.49 6.59 -18.80
CA ALA D 28 4.35 5.44 -18.53
C ALA D 28 3.97 4.34 -19.48
N LEU D 30 3.95 0.14 -19.69
CA LEU D 30 4.15 -1.17 -19.02
C LEU D 30 4.53 -2.21 -20.07
N VAL D 31 5.77 -2.67 -20.03
CA VAL D 31 6.28 -3.63 -21.02
C VAL D 31 6.23 -5.03 -20.45
N THR D 32 5.55 -5.93 -21.14
CA THR D 32 5.29 -7.30 -20.62
C THR D 32 5.79 -8.39 -21.57
N HIS D 33 5.98 -8.05 -22.83
CA HIS D 33 6.48 -9.02 -23.77
C HIS D 33 7.96 -9.19 -23.52
N LEU D 34 8.40 -10.41 -23.24
CA LEU D 34 9.81 -10.64 -22.82
C LEU D 34 10.88 -10.17 -23.81
N THR D 35 10.60 -10.30 -25.11
CA THR D 35 11.54 -9.85 -26.11
C THR D 35 11.84 -8.36 -25.88
N HIS D 36 10.79 -7.57 -25.74
CA HIS D 36 10.92 -6.13 -25.47
C HIS D 36 11.57 -5.77 -24.15
N ILE D 37 11.27 -6.52 -23.10
CA ILE D 37 11.96 -6.32 -21.79
C ILE D 37 13.50 -6.56 -21.99
N ARG D 38 13.84 -7.64 -22.65
CA ARG D 38 15.21 -7.99 -22.98
C ARG D 38 15.88 -6.84 -23.75
N TYR D 39 15.25 -6.46 -24.85
CA TYR D 39 15.69 -5.40 -25.70
C TYR D 39 15.94 -4.10 -24.91
N LEU D 40 15.06 -3.77 -23.97
CA LEU D 40 15.12 -2.48 -23.27
C LEU D 40 15.97 -2.48 -22.01
N SER D 41 16.43 -3.63 -21.55
CA SER D 41 17.01 -3.70 -20.22
C SER D 41 18.24 -4.62 -20.12
N GLY D 42 18.30 -5.63 -20.97
CA GLY D 42 19.33 -6.61 -20.92
C GLY D 42 18.93 -7.86 -20.15
N PHE D 43 17.81 -7.81 -19.41
CA PHE D 43 17.40 -8.97 -18.62
C PHE D 43 17.05 -10.17 -19.47
N THR D 44 17.61 -11.33 -19.10
CA THR D 44 17.60 -12.55 -19.91
C THR D 44 16.64 -13.67 -19.40
N GLY D 45 16.01 -13.48 -18.24
CA GLY D 45 15.19 -14.50 -17.61
C GLY D 45 13.82 -14.59 -18.27
N SER D 46 12.98 -15.50 -17.77
CA SER D 46 11.75 -15.86 -18.46
C SER D 46 10.50 -15.24 -17.84
N ASN D 47 10.66 -14.52 -16.73
CA ASN D 47 9.53 -13.82 -16.10
C ASN D 47 10.00 -12.40 -15.74
N ALA D 48 9.25 -11.40 -16.15
CA ALA D 48 9.58 -10.01 -15.90
C ALA D 48 8.43 -9.10 -16.33
N ALA D 49 8.39 -7.90 -15.75
CA ALA D 49 7.58 -6.80 -16.28
C ALA D 49 8.44 -5.56 -16.10
N LEU D 50 8.23 -4.56 -16.92
CA LEU D 50 9.04 -3.36 -16.86
C LEU D 50 8.16 -2.17 -17.11
N ILE D 51 8.30 -1.16 -16.29
CA ILE D 51 7.65 0.12 -16.53
C ILE D 51 8.69 1.21 -16.93
N ILE D 52 8.38 1.98 -17.99
CA ILE D 52 9.21 3.13 -18.43
C ILE D 52 8.39 4.39 -18.25
N ASN D 53 8.87 5.31 -17.43
CA ASN D 53 8.14 6.53 -17.08
C ASN D 53 8.54 7.70 -17.99
N LYS D 54 7.68 8.71 -18.07
CA LYS D 54 7.95 9.89 -18.90
C LYS D 54 9.24 10.57 -18.43
N ASP D 55 9.39 10.73 -17.12
CA ASP D 55 10.56 11.38 -16.51
C ASP D 55 11.91 10.62 -16.64
N LEU D 56 11.87 9.49 -17.37
CA LEU D 56 13.08 8.72 -17.73
C LEU D 56 13.46 7.77 -16.59
N SER D 57 12.64 7.74 -15.54
CA SER D 57 12.80 6.74 -14.49
C SER D 57 12.24 5.41 -15.04
N ALA D 58 12.62 4.32 -14.39
CA ALA D 58 12.12 3.01 -14.79
C ALA D 58 12.04 2.10 -13.59
N ARG D 59 11.30 1.02 -13.74
CA ARG D 59 11.19 0.05 -12.65
C ARG D 59 10.96 -1.33 -13.22
N ILE D 60 11.71 -2.31 -12.75
CA ILE D 60 11.61 -3.69 -13.27
C ILE D 60 11.17 -4.62 -12.18
N SER D 61 10.58 -5.75 -12.58
CA SER D 61 10.05 -6.75 -11.63
C SER D 61 10.28 -8.14 -12.13
N THR D 62 10.54 -9.08 -11.22
CA THR D 62 10.70 -10.46 -11.56
C THR D 62 10.51 -11.26 -10.28
N ASP D 63 10.37 -12.58 -10.37
CA ASP D 63 10.19 -13.36 -9.16
C ASP D 63 11.49 -13.88 -8.53
N GLY D 64 11.34 -14.54 -7.39
CA GLY D 64 12.46 -15.09 -6.62
C GLY D 64 13.60 -15.76 -7.38
N ARG D 65 13.29 -16.60 -8.36
CA ARG D 65 14.32 -17.33 -9.12
C ARG D 65 15.32 -16.39 -9.77
N TYR D 66 14.89 -15.19 -10.17
CA TYR D 66 15.73 -14.27 -10.95
C TYR D 66 16.15 -13.01 -10.25
N ILE D 67 15.90 -12.91 -8.95
CA ILE D 67 16.07 -11.61 -8.28
C ILE D 67 17.55 -11.22 -8.12
N THR D 68 18.40 -12.19 -7.82
CA THR D 68 19.81 -11.88 -7.70
C THR D 68 20.35 -11.52 -9.09
N GLN D 69 20.00 -12.37 -10.05
CA GLN D 69 20.34 -12.18 -11.47
C GLN D 69 19.94 -10.84 -12.03
N ILE D 70 18.74 -10.36 -11.75
CA ILE D 70 18.32 -9.12 -12.40
C ILE D 70 19.14 -7.93 -11.86
N ALA D 71 19.66 -8.06 -10.65
CA ALA D 71 20.51 -7.01 -10.13
C ALA D 71 21.93 -7.13 -10.73
N GLU D 72 22.34 -8.31 -11.21
CA GLU D 72 23.64 -8.42 -11.91
C GLU D 72 23.50 -7.94 -13.38
N GLN D 73 22.49 -8.45 -14.09
CA GLN D 73 22.23 -8.10 -15.49
C GLN D 73 21.67 -6.74 -15.74
N VAL D 74 20.92 -6.19 -14.78
CA VAL D 74 20.37 -4.87 -14.95
C VAL D 74 20.61 -4.01 -13.70
N PRO D 75 21.88 -3.61 -13.54
CA PRO D 75 22.28 -2.85 -12.34
C PRO D 75 21.69 -1.44 -12.22
N ASP D 76 21.16 -0.90 -13.31
CA ASP D 76 20.76 0.51 -13.34
C ASP D 76 19.26 0.79 -13.17
N ILE D 77 18.45 -0.26 -12.93
CA ILE D 77 16.98 -0.10 -12.71
C ILE D 77 16.55 -0.76 -11.40
N GLU D 78 15.94 0.01 -10.51
CA GLU D 78 15.34 -0.49 -9.28
C GLU D 78 14.41 -1.68 -9.56
N SER D 79 14.52 -2.74 -8.74
CA SER D 79 13.76 -3.99 -8.94
C SER D 79 12.73 -4.21 -7.82
N LEU D 80 11.65 -4.91 -8.17
CA LEU D 80 10.61 -5.34 -7.23
C LEU D 80 10.46 -6.86 -7.39
N ALA D 82 8.39 -9.99 -7.19
CA ALA D 82 6.99 -10.32 -7.13
C ALA D 82 6.76 -11.59 -7.97
N ARG D 83 5.83 -12.41 -7.52
CA ARG D 83 5.37 -13.56 -8.30
C ARG D 83 4.62 -13.14 -9.58
N ASN D 84 3.65 -12.21 -9.48
CA ASN D 84 2.95 -11.68 -10.66
C ASN D 84 3.42 -10.25 -10.99
N CYS D 85 4.35 -10.14 -11.94
CA CYS D 85 5.20 -8.95 -12.06
C CYS D 85 4.49 -7.71 -12.54
N ALA D 86 3.69 -7.82 -13.58
CA ALA D 86 2.99 -6.66 -14.14
C ALA D 86 1.94 -6.07 -13.18
N PRO D 87 1.03 -6.90 -12.63
CA PRO D 87 0.07 -6.33 -11.68
C PRO D 87 0.75 -5.76 -10.44
N ALA D 88 1.86 -6.36 -10.02
CA ALA D 88 2.56 -5.85 -8.83
C ALA D 88 3.16 -4.46 -9.12
N LEU D 89 3.71 -4.27 -10.31
CA LEU D 89 4.20 -2.95 -10.70
C LEU D 89 3.08 -1.97 -10.84
N LEU D 90 1.99 -2.40 -11.46
CA LEU D 90 0.91 -1.52 -11.77
C LEU D 90 0.19 -1.13 -10.47
N SER D 91 0.04 -2.06 -9.53
CA SER D 91 -0.62 -1.75 -8.25
C SER D 91 0.12 -0.67 -7.48
N ASP D 92 1.41 -0.53 -7.68
CA ASP D 92 2.15 0.50 -6.95
C ASP D 92 1.97 1.93 -7.46
N ILE D 93 1.48 2.10 -8.68
CA ILE D 93 1.38 3.42 -9.29
C ILE D 93 0.27 4.28 -8.68
N ASN D 94 0.63 5.42 -8.08
CA ASN D 94 -0.34 6.37 -7.54
C ASN D 94 -0.82 7.36 -8.64
N GLY D 95 -2.07 7.23 -9.10
CA GLY D 95 -2.62 8.15 -10.13
C GLY D 95 -2.79 9.62 -9.69
N PRO D 96 -3.30 10.51 -10.59
CA PRO D 96 -3.78 10.20 -11.95
C PRO D 96 -2.63 9.89 -12.90
N LYS D 97 -2.81 8.88 -13.74
CA LYS D 97 -1.78 8.49 -14.65
C LYS D 97 -2.40 7.76 -15.85
N ARG D 98 -1.81 7.93 -17.02
CA ARG D 98 -2.22 7.21 -18.18
C ARG D 98 -1.07 6.21 -18.45
N VAL D 99 -1.36 4.92 -18.23
CA VAL D 99 -0.38 3.85 -18.46
C VAL D 99 -0.70 3.02 -19.70
N GLY D 100 0.24 2.96 -20.63
CA GLY D 100 0.09 2.15 -21.78
C GLY D 100 0.54 0.71 -21.56
N PHE D 101 0.00 -0.17 -22.38
CA PHE D 101 0.27 -1.59 -22.34
C PHE D 101 0.33 -2.06 -23.78
N GLU D 102 1.03 -3.18 -23.98
CA GLU D 102 1.21 -3.72 -25.34
C GLU D 102 -0.01 -4.54 -25.79
N ALA D 103 -1.00 -3.84 -26.38
CA ALA D 103 -2.25 -4.45 -26.77
C ALA D 103 -2.09 -5.60 -27.78
N ASP D 104 -1.05 -5.59 -28.63
CA ASP D 104 -0.88 -6.72 -29.57
C ASP D 104 -0.24 -7.95 -28.91
N TYR D 105 0.37 -7.77 -27.74
CA TYR D 105 1.06 -8.89 -27.11
C TYR D 105 0.42 -9.44 -25.82
N LEU D 106 -0.48 -8.68 -25.18
CA LEU D 106 -0.97 -9.03 -23.84
C LEU D 106 -2.28 -9.78 -24.01
N SER D 107 -2.42 -10.94 -23.37
CA SER D 107 -3.60 -11.72 -23.56
C SER D 107 -4.82 -11.04 -22.89
N VAL D 108 -6.03 -11.45 -23.28
CA VAL D 108 -7.23 -11.00 -22.64
C VAL D 108 -7.18 -11.29 -21.12
N SER D 109 -6.82 -12.51 -20.73
CA SER D 109 -6.79 -12.87 -19.29
C SER D 109 -5.78 -11.99 -18.50
N GLN D 110 -4.57 -11.87 -18.99
CA GLN D 110 -3.58 -10.97 -18.41
C GLN D 110 -4.07 -9.52 -18.30
N CYS D 111 -4.80 -9.06 -19.30
CA CYS D 111 -5.29 -7.72 -19.28
C CYS D 111 -6.33 -7.55 -18.20
N GLU D 112 -7.19 -8.54 -18.01
CA GLU D 112 -8.08 -8.48 -16.85
C GLU D 112 -7.30 -8.42 -15.56
N GLU D 113 -6.20 -9.16 -15.44
CA GLU D 113 -5.46 -9.18 -14.18
C GLU D 113 -4.92 -7.79 -13.93
N LEU D 114 -4.47 -7.09 -14.99
CA LEU D 114 -4.02 -5.71 -14.85
C LEU D 114 -5.16 -4.79 -14.48
N ARG D 115 -6.32 -4.95 -15.07
CA ARG D 115 -7.43 -4.08 -14.71
C ARG D 115 -7.85 -4.22 -13.26
N LYS D 116 -7.80 -5.43 -12.73
CA LYS D 116 -8.13 -5.68 -11.33
C LYS D 116 -7.16 -4.94 -10.33
N SER D 117 -5.92 -4.82 -10.71
CA SER D 117 -4.88 -4.24 -9.87
C SER D 117 -4.71 -2.73 -9.96
N ALA D 118 -5.17 -2.13 -11.03
CA ALA D 118 -4.99 -0.72 -11.30
C ALA D 118 -5.82 0.22 -10.37
N GLY D 119 -5.17 1.21 -9.73
CA GLY D 119 -5.88 2.24 -8.90
C GLY D 119 -6.93 3.09 -9.67
N SER D 120 -7.90 3.67 -8.96
CA SER D 120 -9.04 4.40 -9.59
C SER D 120 -8.64 5.53 -10.57
N ASP D 121 -7.57 6.28 -10.29
CA ASP D 121 -7.13 7.31 -11.24
C ASP D 121 -6.12 6.83 -12.35
N VAL D 122 -5.88 5.51 -12.43
CA VAL D 122 -4.89 4.98 -13.38
C VAL D 122 -5.65 4.40 -14.60
N GLU D 123 -5.54 5.04 -15.76
CA GLU D 123 -6.23 4.57 -16.97
C GLU D 123 -5.25 3.79 -17.85
N LEU D 124 -5.66 2.60 -18.25
CA LEU D 124 -4.88 1.72 -19.08
C LEU D 124 -5.10 2.06 -20.52
N ILE D 125 -4.03 2.36 -21.22
CA ILE D 125 -4.13 2.72 -22.63
C ILE D 125 -3.58 1.62 -23.53
N PRO D 126 -4.39 1.14 -24.48
CA PRO D 126 -3.88 0.13 -25.39
C PRO D 126 -2.94 0.75 -26.39
N VAL D 127 -1.69 0.25 -26.45
CA VAL D 127 -0.74 0.75 -27.42
C VAL D 127 -0.27 -0.34 -28.40
N THR D 128 -0.31 -0.04 -29.69
CA THR D 128 -0.02 -1.02 -30.72
C THR D 128 1.35 -0.79 -31.28
N GLY D 129 1.93 -1.87 -31.80
CA GLY D 129 3.22 -1.83 -32.42
C GLY D 129 4.17 -2.65 -31.58
N ALA D 130 5.33 -2.93 -32.16
CA ALA D 130 6.43 -3.60 -31.51
C ALA D 130 7.41 -2.54 -30.95
N ILE D 131 8.68 -2.91 -30.82
CA ILE D 131 9.68 -2.05 -30.18
C ILE D 131 11.09 -2.32 -30.76
#